data_9CV5
#
_entry.id   9CV5
#
_cell.length_a   67.580
_cell.length_b   77.222
_cell.length_c   79.036
_cell.angle_alpha   90.000
_cell.angle_beta   90.000
_cell.angle_gamma   90.000
#
_symmetry.space_group_name_H-M   'I 2 2 2'
#
loop_
_entity.id
_entity.type
_entity.pdbx_description
1 polymer 'Metallo-beta-lactamase type 2'
2 non-polymer 'ZINC ION'
3 non-polymer L-CAPTOPRIL
4 non-polymer 'MAGNESIUM ION'
5 water water
#
_entity_poly.entity_id   1
_entity_poly.type   'polypeptide(L)'
_entity_poly.pdbx_seq_one_letter_code
;GHMVDSSGEYPTVSEIPVGEVRLYQIADGVWSHIATQSFDGAVYPSNGLIVRDGDELLLIDTAWGAKNTAALLAEIEKQI
GLPVTRAVSTHFHDDRVGGVDVLRAAGVATYASPSTRRLAEVEGNEIPTHSLEGLSSSGDAVRFGPVELFYPGAAHSTDN
LVVYVPSASVLYGGCAIHELSRTSAGNVADADLAEWPTSIERIQQRYPEAQFVIPGHGLPGGLDLLKHTTNVVKAHTNRS
VVE
;
_entity_poly.pdbx_strand_id   A
#
loop_
_chem_comp.id
_chem_comp.type
_chem_comp.name
_chem_comp.formula
MG non-polymer 'MAGNESIUM ION' 'Mg 2'
X8Z non-polymer L-CAPTOPRIL 'C9 H15 N O3 S'
ZN non-polymer 'ZINC ION' 'Zn 2'
#
# COMPACT_ATOMS: atom_id res chain seq x y z
N GLU A 9 -9.80 15.79 -8.71
CA GLU A 9 -9.19 16.23 -7.47
C GLU A 9 -7.94 15.44 -7.16
N TYR A 10 -7.96 14.14 -7.47
CA TYR A 10 -6.85 13.28 -7.09
C TYR A 10 -5.64 13.55 -7.98
N PRO A 11 -4.45 13.73 -7.42
CA PRO A 11 -3.29 14.08 -8.27
C PRO A 11 -2.90 12.92 -9.17
N THR A 12 -2.66 13.23 -10.42
CA THR A 12 -2.27 12.21 -11.38
C THR A 12 -0.77 12.29 -11.62
N VAL A 13 -0.26 11.26 -12.30
CA VAL A 13 1.16 11.13 -12.49
C VAL A 13 1.73 12.29 -13.32
N SER A 14 0.91 12.96 -14.13
CA SER A 14 1.35 14.10 -14.91
C SER A 14 1.47 15.39 -14.09
N GLU A 15 1.04 15.38 -12.84
CA GLU A 15 1.04 16.57 -12.02
C GLU A 15 2.10 16.55 -10.92
N ILE A 16 2.80 15.43 -10.75
CA ILE A 16 3.80 15.29 -9.69
C ILE A 16 5.16 14.98 -10.32
N PRO A 17 6.09 15.93 -10.33
CA PRO A 17 7.44 15.61 -10.80
C PRO A 17 8.07 14.55 -9.93
N VAL A 18 8.85 13.67 -10.56
CA VAL A 18 9.60 12.67 -9.79
C VAL A 18 10.47 13.38 -8.76
N GLY A 19 10.39 12.94 -7.52
CA GLY A 19 11.03 13.60 -6.41
C GLY A 19 10.07 14.32 -5.48
N GLU A 20 8.88 14.67 -5.96
CA GLU A 20 7.88 15.34 -5.15
C GLU A 20 6.81 14.36 -4.70
N VAL A 21 6.14 14.71 -3.61
CA VAL A 21 5.08 13.89 -3.03
C VAL A 21 3.90 14.80 -2.74
N ARG A 22 2.71 14.33 -3.08
CA ARG A 22 1.47 14.99 -2.75
C ARG A 22 0.72 14.18 -1.70
N LEU A 23 -0.02 14.88 -0.86
CA LEU A 23 -0.93 14.27 0.09
C LEU A 23 -2.34 14.56 -0.38
N TYR A 24 -3.23 13.57 -0.21
CA TYR A 24 -4.63 13.72 -0.60
C TYR A 24 -5.49 13.25 0.56
N GLN A 25 -6.33 14.13 1.08
CA GLN A 25 -7.19 13.75 2.20
C GLN A 25 -8.38 12.94 1.68
N ILE A 26 -8.48 11.69 2.13
CA ILE A 26 -9.55 10.78 1.73
C ILE A 26 -10.76 10.93 2.64
N ALA A 27 -10.50 11.02 3.93
CA ALA A 27 -11.52 11.13 4.96
C ALA A 27 -10.85 11.79 6.16
N ASP A 28 -11.64 12.07 7.19
CA ASP A 28 -11.07 12.65 8.39
C ASP A 28 -10.00 11.70 8.95
N GLY A 29 -8.79 12.23 9.12
CA GLY A 29 -7.69 11.46 9.67
C GLY A 29 -7.07 10.44 8.74
N VAL A 30 -7.39 10.47 7.44
CA VAL A 30 -6.86 9.50 6.49
C VAL A 30 -6.44 10.25 5.23
N TRP A 31 -5.18 10.11 4.84
CA TRP A 31 -4.66 10.66 3.61
C TRP A 31 -4.05 9.53 2.80
N SER A 32 -4.05 9.69 1.49
CA SER A 32 -3.07 8.96 0.72
C SER A 32 -1.87 9.87 0.47
N HIS A 33 -0.72 9.25 0.24
CA HIS A 33 0.44 9.96 -0.28
C HIS A 33 0.73 9.43 -1.67
N ILE A 34 1.11 10.33 -2.57
CA ILE A 34 1.26 9.97 -3.97
C ILE A 34 2.64 10.43 -4.40
N ALA A 35 3.41 9.53 -4.99
CA ALA A 35 4.74 9.82 -5.48
C ALA A 35 4.86 9.19 -6.85
N THR A 36 5.96 9.48 -7.54
CA THR A 36 6.13 8.97 -8.89
C THR A 36 7.55 8.48 -9.08
N GLN A 37 7.72 7.62 -10.08
CA GLN A 37 9.04 7.23 -10.56
C GLN A 37 8.93 6.92 -12.04
N SER A 38 10.05 7.09 -12.73
CA SER A 38 10.14 6.65 -14.10
C SER A 38 10.50 5.17 -14.12
N PHE A 39 9.94 4.44 -15.07
CA PHE A 39 10.31 3.04 -15.24
C PHE A 39 10.06 2.67 -16.69
N ASP A 40 11.11 2.18 -17.34
CA ASP A 40 11.04 1.55 -18.64
C ASP A 40 10.33 2.47 -19.62
N GLY A 41 10.67 3.77 -19.58
CA GLY A 41 10.20 4.73 -20.54
C GLY A 41 8.89 5.42 -20.21
N ALA A 42 8.27 5.12 -19.08
CA ALA A 42 7.03 5.75 -18.68
C ALA A 42 7.18 6.26 -17.26
N VAL A 43 6.23 7.09 -16.83
CA VAL A 43 6.20 7.54 -15.44
C VAL A 43 4.96 6.95 -14.79
N TYR A 44 5.15 6.43 -13.58
CA TYR A 44 4.13 5.74 -12.83
C TYR A 44 3.91 6.45 -11.50
N PRO A 45 2.66 6.53 -11.05
CA PRO A 45 2.40 7.01 -9.69
C PRO A 45 2.36 5.83 -8.74
N SER A 46 2.47 6.14 -7.45
CA SER A 46 2.34 5.12 -6.44
C SER A 46 1.71 5.76 -5.22
N ASN A 47 0.79 5.03 -4.58
CA ASN A 47 0.10 5.51 -3.40
C ASN A 47 0.55 4.78 -2.16
N GLY A 48 0.56 5.51 -1.05
CA GLY A 48 0.54 4.92 0.27
C GLY A 48 -0.54 5.59 1.09
N LEU A 49 -0.57 5.32 2.38
CA LEU A 49 -1.62 5.84 3.24
C LEU A 49 -1.01 6.50 4.46
N ILE A 50 -1.71 7.49 4.99
CA ILE A 50 -1.39 8.07 6.28
C ILE A 50 -2.66 8.02 7.11
N VAL A 51 -2.56 7.52 8.33
CA VAL A 51 -3.72 7.39 9.21
C VAL A 51 -3.41 8.07 10.53
N ARG A 52 -4.24 9.03 10.92
CA ARG A 52 -4.03 9.66 12.20
C ARG A 52 -4.27 8.65 13.32
N ASP A 53 -3.33 8.59 14.25
CA ASP A 53 -3.28 7.59 15.32
C ASP A 53 -3.20 8.40 16.61
N GLY A 54 -4.34 8.93 17.04
CA GLY A 54 -4.38 9.86 18.14
C GLY A 54 -3.67 11.15 17.81
N ASP A 55 -2.55 11.41 18.48
CA ASP A 55 -1.72 12.58 18.24
C ASP A 55 -0.49 12.25 17.41
N GLU A 56 -0.42 11.05 16.87
CA GLU A 56 0.66 10.60 16.01
C GLU A 56 0.08 10.15 14.68
N LEU A 57 0.97 9.78 13.76
CA LEU A 57 0.56 9.30 12.45
C LEU A 57 1.11 7.90 12.23
N LEU A 58 0.29 7.06 11.64
CA LEU A 58 0.68 5.76 11.17
C LEU A 58 0.83 5.87 9.66
N LEU A 59 2.00 5.51 9.14
CA LEU A 59 2.27 5.56 7.72
C LEU A 59 2.13 4.16 7.15
N ILE A 60 1.43 4.04 6.04
CA ILE A 60 1.36 2.80 5.29
C ILE A 60 2.16 3.01 4.03
N ASP A 61 3.28 2.28 3.94
CA ASP A 61 4.17 2.22 2.79
C ASP A 61 5.02 3.45 2.61
N THR A 62 6.23 3.24 2.10
CA THR A 62 7.08 4.36 1.74
C THR A 62 6.53 5.03 0.49
N ALA A 63 7.19 6.11 0.10
CA ALA A 63 6.85 6.82 -1.12
C ALA A 63 7.69 6.37 -2.30
N TRP A 64 8.16 5.12 -2.29
CA TRP A 64 8.84 4.51 -3.43
C TRP A 64 10.20 5.17 -3.63
N GLY A 65 11.10 4.87 -2.72
CA GLY A 65 12.47 5.30 -2.85
C GLY A 65 12.86 6.29 -1.75
N ALA A 66 14.17 6.37 -1.53
CA ALA A 66 14.71 7.19 -0.46
C ALA A 66 14.39 8.66 -0.68
N LYS A 67 14.63 9.17 -1.89
CA LYS A 67 14.40 10.60 -2.15
C LYS A 67 12.92 10.94 -2.00
N ASN A 68 12.04 10.15 -2.59
CA ASN A 68 10.61 10.41 -2.44
C ASN A 68 10.20 10.31 -0.97
N THR A 69 10.76 9.35 -0.24
CA THR A 69 10.34 9.17 1.14
C THR A 69 10.80 10.33 2.02
N ALA A 70 12.00 10.85 1.75
CA ALA A 70 12.41 12.09 2.41
C ALA A 70 11.44 13.22 2.10
N ALA A 71 11.02 13.33 0.83
CA ALA A 71 10.04 14.34 0.47
C ALA A 71 8.71 14.08 1.17
N LEU A 72 8.33 12.82 1.31
CA LEU A 72 7.10 12.48 2.01
C LEU A 72 7.12 12.99 3.44
N LEU A 73 8.21 12.72 4.17
CA LEU A 73 8.29 13.15 5.55
C LEU A 73 8.24 14.67 5.67
N ALA A 74 8.90 15.37 4.73
CA ALA A 74 8.87 16.82 4.77
C ALA A 74 7.47 17.35 4.49
N GLU A 75 6.76 16.70 3.56
CA GLU A 75 5.40 17.13 3.24
C GLU A 75 4.44 16.84 4.37
N ILE A 76 4.57 15.68 5.02
CA ILE A 76 3.75 15.39 6.20
C ILE A 76 4.00 16.43 7.29
N GLU A 77 5.27 16.74 7.54
CA GLU A 77 5.62 17.74 8.53
C GLU A 77 4.98 19.09 8.21
N LYS A 78 5.05 19.49 6.94
CA LYS A 78 4.52 20.78 6.53
C LYS A 78 3.00 20.80 6.63
N GLN A 79 2.34 19.74 6.17
CA GLN A 79 0.91 19.80 5.91
C GLN A 79 0.07 19.24 7.05
N ILE A 80 0.60 18.28 7.80
CA ILE A 80 -0.12 17.67 8.92
C ILE A 80 0.50 18.02 10.26
N GLY A 81 1.83 17.98 10.35
CA GLY A 81 2.49 18.46 11.55
C GLY A 81 2.38 17.56 12.77
N LEU A 82 2.05 16.30 12.57
CA LEU A 82 2.08 15.30 13.63
C LEU A 82 3.18 14.28 13.31
N PRO A 83 3.84 13.74 14.33
CA PRO A 83 4.97 12.84 14.09
C PRO A 83 4.52 11.51 13.49
N VAL A 84 5.31 11.03 12.55
CA VAL A 84 5.14 9.68 12.02
C VAL A 84 5.89 8.75 12.96
N THR A 85 5.16 7.98 13.75
CA THR A 85 5.81 7.13 14.72
C THR A 85 5.94 5.69 14.26
N ARG A 86 5.06 5.21 13.39
CA ARG A 86 5.11 3.85 12.92
C ARG A 86 4.82 3.84 11.43
N ALA A 87 5.44 2.89 10.74
CA ALA A 87 5.15 2.67 9.34
C ALA A 87 4.99 1.18 9.11
N VAL A 88 4.02 0.81 8.29
CA VAL A 88 3.81 -0.58 7.89
C VAL A 88 4.03 -0.66 6.39
N SER A 89 4.85 -1.61 5.96
CA SER A 89 5.04 -1.87 4.54
C SER A 89 4.16 -3.06 4.18
N THR A 90 3.37 -2.92 3.12
CA THR A 90 2.35 -3.91 2.82
C THR A 90 2.79 -4.99 1.86
N HIS A 91 3.95 -4.85 1.24
CA HIS A 91 4.64 -5.97 0.63
C HIS A 91 6.08 -5.57 0.41
N PHE A 92 6.86 -6.47 -0.17
CA PHE A 92 8.30 -6.33 -0.11
C PHE A 92 8.89 -5.50 -1.25
N HIS A 93 8.08 -5.04 -2.20
CA HIS A 93 8.62 -4.33 -3.34
C HIS A 93 9.06 -2.93 -2.95
N ASP A 94 9.83 -2.30 -3.84
CA ASP A 94 10.48 -1.04 -3.54
C ASP A 94 9.52 0.11 -3.38
N ASP A 95 8.31 0.02 -3.92
CA ASP A 95 7.32 1.05 -3.69
C ASP A 95 6.68 0.94 -2.31
N ARG A 96 7.10 -0.03 -1.52
CA ARG A 96 6.57 -0.24 -0.19
C ARG A 96 7.63 -0.20 0.88
N VAL A 97 8.83 -0.70 0.59
CA VAL A 97 9.94 -0.68 1.53
C VAL A 97 11.06 0.23 1.09
N GLY A 98 11.07 0.70 -0.15
CA GLY A 98 12.14 1.56 -0.58
C GLY A 98 11.99 2.91 0.07
N GLY A 99 12.90 3.26 0.96
CA GLY A 99 12.72 4.41 1.82
C GLY A 99 12.58 4.05 3.28
N VAL A 100 12.50 2.76 3.60
CA VAL A 100 12.53 2.31 5.00
C VAL A 100 13.71 2.86 5.76
N ASP A 101 14.89 2.93 5.13
CA ASP A 101 16.06 3.42 5.85
C ASP A 101 15.88 4.90 6.19
N VAL A 102 15.27 5.67 5.28
CA VAL A 102 14.97 7.07 5.55
C VAL A 102 13.99 7.19 6.72
N LEU A 103 12.95 6.36 6.73
CA LEU A 103 12.01 6.37 7.84
C LEU A 103 12.72 6.02 9.14
N ARG A 104 13.53 4.96 9.10
CA ARG A 104 14.25 4.54 10.30
C ARG A 104 15.17 5.65 10.80
N ALA A 105 15.88 6.32 9.90
CA ALA A 105 16.78 7.38 10.34
C ALA A 105 16.02 8.54 10.95
N ALA A 106 14.75 8.71 10.56
CA ALA A 106 13.91 9.76 11.11
C ALA A 106 13.18 9.32 12.38
N GLY A 107 13.54 8.17 12.95
CA GLY A 107 12.93 7.74 14.19
C GLY A 107 11.59 7.05 14.02
N VAL A 108 11.22 6.71 12.80
CA VAL A 108 9.99 5.97 12.57
C VAL A 108 10.25 4.50 12.85
N ALA A 109 9.39 3.88 13.63
CA ALA A 109 9.45 2.43 13.83
C ALA A 109 8.81 1.78 12.60
N THR A 110 9.60 0.99 11.87
CA THR A 110 9.15 0.36 10.63
C THR A 110 8.76 -1.08 10.90
N TYR A 111 7.63 -1.49 10.30
CA TYR A 111 7.04 -2.79 10.52
C TYR A 111 6.71 -3.46 9.19
N ALA A 112 6.80 -4.79 9.20
CA ALA A 112 6.26 -5.58 8.10
C ALA A 112 6.06 -6.99 8.63
N SER A 113 5.28 -7.77 7.92
CA SER A 113 5.12 -9.14 8.34
C SER A 113 6.44 -9.89 8.16
N PRO A 114 6.62 -11.01 8.88
CA PRO A 114 7.80 -11.83 8.60
C PRO A 114 7.88 -12.29 7.18
N SER A 115 6.74 -12.46 6.52
CA SER A 115 6.79 -12.90 5.13
C SER A 115 7.37 -11.78 4.26
N THR A 116 6.95 -10.53 4.51
CA THR A 116 7.52 -9.41 3.77
C THR A 116 9.00 -9.23 4.08
N ARG A 117 9.36 -9.35 5.36
CA ARG A 117 10.77 -9.15 5.73
C ARG A 117 11.65 -10.20 5.08
N ARG A 118 11.17 -11.44 5.04
CA ARG A 118 11.94 -12.51 4.42
C ARG A 118 12.10 -12.26 2.93
N LEU A 119 11.02 -11.85 2.26
CA LEU A 119 11.08 -11.62 0.83
C LEU A 119 11.91 -10.39 0.50
N ALA A 120 11.80 -9.34 1.31
CA ALA A 120 12.63 -8.17 1.11
C ALA A 120 14.11 -8.54 1.23
N GLU A 121 14.44 -9.36 2.21
CA GLU A 121 15.83 -9.78 2.37
C GLU A 121 16.30 -10.57 1.15
N VAL A 122 15.47 -11.50 0.65
CA VAL A 122 15.85 -12.27 -0.54
C VAL A 122 16.11 -11.33 -1.72
N GLU A 123 15.28 -10.30 -1.86
CA GLU A 123 15.40 -9.37 -2.98
C GLU A 123 16.52 -8.37 -2.79
N GLY A 124 17.09 -8.30 -1.60
CA GLY A 124 18.08 -7.28 -1.32
C GLY A 124 17.49 -5.92 -1.10
N ASN A 125 16.20 -5.86 -0.76
CA ASN A 125 15.52 -4.61 -0.51
C ASN A 125 15.69 -4.19 0.95
N GLU A 126 15.24 -2.99 1.25
CA GLU A 126 15.30 -2.50 2.62
C GLU A 126 14.32 -3.31 3.46
N ILE A 127 14.67 -3.51 4.73
CA ILE A 127 13.97 -4.45 5.59
C ILE A 127 13.44 -3.70 6.80
N PRO A 128 12.12 -3.61 6.97
CA PRO A 128 11.58 -2.97 8.17
C PRO A 128 12.08 -3.65 9.43
N THR A 129 12.17 -2.85 10.49
CA THR A 129 12.78 -3.34 11.72
C THR A 129 11.90 -4.38 12.41
N HIS A 130 10.63 -4.08 12.55
CA HIS A 130 9.74 -4.87 13.38
C HIS A 130 8.96 -5.87 12.56
N SER A 131 8.60 -6.98 13.18
CA SER A 131 7.84 -8.06 12.56
C SER A 131 6.42 -8.06 13.08
N LEU A 132 5.47 -8.10 12.16
CA LEU A 132 4.05 -8.14 12.50
C LEU A 132 3.61 -9.58 12.58
N GLU A 133 3.32 -10.05 13.78
CA GLU A 133 2.87 -11.41 13.96
C GLU A 133 1.38 -11.54 13.64
N GLY A 134 0.93 -12.78 13.49
CA GLY A 134 -0.48 -13.05 13.33
C GLY A 134 -1.04 -12.88 11.93
N LEU A 135 -0.17 -12.81 10.91
CA LEU A 135 -0.64 -12.55 9.54
C LEU A 135 -0.18 -13.62 8.57
N SER A 136 0.27 -14.77 9.06
CA SER A 136 0.91 -15.72 8.15
C SER A 136 -0.07 -16.54 7.33
N SER A 137 -1.32 -16.66 7.75
CA SER A 137 -2.28 -17.55 7.10
C SER A 137 -3.33 -16.69 6.40
N SER A 138 -3.69 -17.08 5.18
CA SER A 138 -4.72 -16.36 4.44
CA SER A 138 -4.71 -16.33 4.45
C SER A 138 -5.96 -16.22 5.30
N GLY A 139 -6.50 -15.01 5.35
CA GLY A 139 -7.63 -14.70 6.21
C GLY A 139 -7.25 -14.17 7.58
N ASP A 140 -5.97 -14.14 7.93
CA ASP A 140 -5.55 -13.62 9.22
C ASP A 140 -5.67 -12.10 9.21
N ALA A 141 -6.16 -11.56 10.33
CA ALA A 141 -6.25 -10.13 10.53
C ALA A 141 -5.73 -9.80 11.91
N VAL A 142 -5.05 -8.66 12.03
CA VAL A 142 -4.59 -8.15 13.31
C VAL A 142 -4.88 -6.66 13.36
N ARG A 143 -5.14 -6.16 14.56
CA ARG A 143 -5.28 -4.74 14.74
C ARG A 143 -3.91 -4.10 14.86
N PHE A 144 -3.78 -2.90 14.28
CA PHE A 144 -2.55 -2.11 14.42
C PHE A 144 -3.00 -0.68 14.62
N GLY A 145 -3.27 -0.30 15.87
CA GLY A 145 -3.77 1.01 16.16
C GLY A 145 -5.05 1.31 15.42
N PRO A 146 -5.09 2.39 14.65
CA PRO A 146 -6.32 2.81 13.97
C PRO A 146 -6.64 2.03 12.71
N VAL A 147 -5.88 0.99 12.38
CA VAL A 147 -6.17 0.18 11.22
C VAL A 147 -6.26 -1.28 11.61
N GLU A 148 -6.89 -2.05 10.73
CA GLU A 148 -6.78 -3.50 10.73
C GLU A 148 -5.87 -3.88 9.58
N LEU A 149 -4.93 -4.78 9.84
CA LEU A 149 -4.10 -5.37 8.81
C LEU A 149 -4.67 -6.74 8.49
N PHE A 150 -4.78 -7.04 7.20
CA PHE A 150 -5.42 -8.26 6.76
C PHE A 150 -4.53 -8.91 5.72
N TYR A 151 -4.25 -10.20 5.91
CA TYR A 151 -3.53 -10.94 4.90
C TYR A 151 -4.58 -11.70 4.12
N PRO A 152 -4.94 -11.27 2.91
CA PRO A 152 -6.04 -11.92 2.17
C PRO A 152 -5.61 -13.19 1.46
N GLY A 153 -4.34 -13.54 1.51
CA GLY A 153 -3.77 -14.56 0.67
C GLY A 153 -2.91 -13.96 -0.42
N ALA A 154 -2.18 -14.86 -1.10
CA ALA A 154 -1.27 -14.43 -2.14
C ALA A 154 -2.07 -13.81 -3.28
N ALA A 155 -1.52 -12.74 -3.85
CA ALA A 155 -2.19 -12.09 -4.95
C ALA A 155 -1.12 -11.44 -5.82
N HIS A 156 -1.00 -10.14 -5.72
CA HIS A 156 0.09 -9.44 -6.38
C HIS A 156 1.45 -9.95 -5.89
N SER A 157 1.54 -10.30 -4.62
CA SER A 157 2.71 -10.96 -4.08
C SER A 157 2.23 -11.92 -3.01
N THR A 158 3.13 -12.80 -2.56
CA THR A 158 2.68 -13.78 -1.59
C THR A 158 2.47 -13.16 -0.21
N ASP A 159 3.07 -12.01 0.05
CA ASP A 159 3.04 -11.35 1.34
C ASP A 159 2.07 -10.18 1.38
N ASN A 160 1.39 -9.88 0.29
CA ASN A 160 0.63 -8.64 0.26
C ASN A 160 -0.41 -8.53 1.37
N LEU A 161 -0.39 -7.40 2.08
CA LEU A 161 -1.35 -7.06 3.10
C LEU A 161 -2.29 -6.01 2.56
N VAL A 162 -3.51 -6.02 3.07
CA VAL A 162 -4.39 -4.88 2.88
C VAL A 162 -4.64 -4.25 4.23
N VAL A 163 -5.05 -2.99 4.20
CA VAL A 163 -5.19 -2.18 5.40
C VAL A 163 -6.58 -1.56 5.38
N TYR A 164 -7.32 -1.71 6.47
CA TYR A 164 -8.64 -1.13 6.56
C TYR A 164 -8.65 -0.13 7.70
N VAL A 165 -9.20 1.04 7.44
CA VAL A 165 -9.37 2.06 8.47
C VAL A 165 -10.82 2.05 8.87
N PRO A 166 -11.19 1.37 9.95
CA PRO A 166 -12.62 1.20 10.26
C PRO A 166 -13.33 2.51 10.54
N SER A 167 -12.64 3.50 11.12
CA SER A 167 -13.32 4.76 11.45
C SER A 167 -13.70 5.54 10.21
N ALA A 168 -13.00 5.33 9.10
CA ALA A 168 -13.24 6.08 7.88
C ALA A 168 -13.79 5.22 6.75
N SER A 169 -13.93 3.90 6.97
CA SER A 169 -14.38 2.97 5.93
C SER A 169 -13.47 3.03 4.71
N VAL A 170 -12.17 3.17 4.93
CA VAL A 170 -11.19 3.23 3.85
C VAL A 170 -10.48 1.89 3.77
N LEU A 171 -10.54 1.27 2.59
CA LEU A 171 -9.85 0.01 2.34
C LEU A 171 -8.66 0.33 1.45
N TYR A 172 -7.47 0.08 1.97
CA TYR A 172 -6.25 0.30 1.22
C TYR A 172 -5.81 -1.07 0.71
N GLY A 173 -5.94 -1.29 -0.59
CA GLY A 173 -5.62 -2.56 -1.16
C GLY A 173 -4.18 -2.76 -1.51
N GLY A 174 -3.40 -1.68 -1.55
CA GLY A 174 -2.06 -1.83 -2.03
C GLY A 174 -2.05 -2.38 -3.45
N CYS A 175 -0.95 -3.01 -3.79
CA CYS A 175 -0.76 -3.41 -5.19
C CYS A 175 -1.53 -4.67 -5.56
N ALA A 176 -2.22 -5.28 -4.61
CA ALA A 176 -3.15 -6.35 -4.91
C ALA A 176 -4.43 -5.86 -5.57
N ILE A 177 -4.71 -4.56 -5.56
CA ILE A 177 -5.92 -4.00 -6.15
C ILE A 177 -5.49 -3.02 -7.23
N HIS A 178 -6.08 -3.13 -8.41
CA HIS A 178 -5.74 -2.28 -9.54
C HIS A 178 -6.76 -1.16 -9.69
N GLU A 179 -6.27 0.03 -10.06
CA GLU A 179 -7.17 1.10 -10.41
C GLU A 179 -7.93 0.76 -11.69
N LEU A 180 -9.04 1.48 -11.90
CA LEU A 180 -9.92 1.17 -13.03
C LEU A 180 -9.22 1.32 -14.36
N SER A 181 -8.34 2.31 -14.49
CA SER A 181 -7.70 2.55 -15.78
C SER A 181 -6.63 1.52 -16.09
N ARG A 182 -6.25 0.69 -15.13
CA ARG A 182 -5.25 -0.33 -15.38
C ARG A 182 -5.94 -1.49 -16.08
N THR A 183 -5.42 -1.89 -17.24
CA THR A 183 -5.97 -2.99 -18.00
C THR A 183 -5.12 -4.25 -17.93
N SER A 184 -3.84 -4.12 -17.63
CA SER A 184 -2.99 -5.28 -17.41
C SER A 184 -2.96 -5.59 -15.93
N ALA A 185 -2.37 -6.73 -15.59
CA ALA A 185 -2.25 -7.11 -14.20
C ALA A 185 -1.05 -6.47 -13.50
N GLY A 186 -0.38 -5.51 -14.13
CA GLY A 186 0.76 -4.87 -13.49
C GLY A 186 1.97 -5.79 -13.49
N ASN A 187 2.85 -5.53 -12.53
CA ASN A 187 4.04 -6.35 -12.35
C ASN A 187 3.63 -7.65 -11.68
N VAL A 188 3.63 -8.74 -12.43
CA VAL A 188 3.21 -10.03 -11.90
C VAL A 188 4.38 -10.95 -11.59
N ALA A 189 5.61 -10.43 -11.60
CA ALA A 189 6.79 -11.27 -11.40
C ALA A 189 6.69 -12.08 -10.11
N ASP A 190 6.12 -11.51 -9.06
CA ASP A 190 6.05 -12.17 -7.77
C ASP A 190 4.63 -12.56 -7.40
N ALA A 191 3.73 -12.55 -8.38
CA ALA A 191 2.32 -12.75 -8.14
C ALA A 191 1.96 -14.22 -8.08
N ASP A 192 0.82 -14.50 -7.46
CA ASP A 192 0.20 -15.81 -7.47
C ASP A 192 -1.10 -15.59 -8.22
N LEU A 193 -1.02 -15.73 -9.54
CA LEU A 193 -2.20 -15.50 -10.37
C LEU A 193 -3.32 -16.45 -10.01
N ALA A 194 -2.98 -17.70 -9.68
CA ALA A 194 -3.99 -18.70 -9.41
C ALA A 194 -4.78 -18.35 -8.15
N GLU A 195 -4.12 -17.78 -7.15
CA GLU A 195 -4.79 -17.46 -5.91
C GLU A 195 -5.36 -16.05 -5.87
N TRP A 196 -4.89 -15.16 -6.74
CA TRP A 196 -5.29 -13.76 -6.67
C TRP A 196 -6.80 -13.56 -6.64
N PRO A 197 -7.60 -14.18 -7.51
CA PRO A 197 -9.05 -13.98 -7.39
C PRO A 197 -9.63 -14.42 -6.06
N THR A 198 -9.16 -15.55 -5.51
CA THR A 198 -9.64 -16.01 -4.22
C THR A 198 -9.25 -15.03 -3.12
N SER A 199 -8.04 -14.48 -3.22
CA SER A 199 -7.62 -13.49 -2.24
C SER A 199 -8.48 -12.23 -2.33
N ILE A 200 -8.83 -11.82 -3.56
CA ILE A 200 -9.73 -10.68 -3.71
C ILE A 200 -11.07 -10.98 -3.05
N GLU A 201 -11.59 -12.19 -3.26
CA GLU A 201 -12.87 -12.56 -2.64
C GLU A 201 -12.81 -12.42 -1.13
N ARG A 202 -11.67 -12.78 -0.52
CA ARG A 202 -11.56 -12.64 0.93
C ARG A 202 -11.65 -11.18 1.35
N ILE A 203 -11.06 -10.28 0.56
CA ILE A 203 -11.16 -8.86 0.86
C ILE A 203 -12.60 -8.39 0.76
N GLN A 204 -13.27 -8.76 -0.33
CA GLN A 204 -14.68 -8.42 -0.50
C GLN A 204 -15.50 -8.93 0.67
N GLN A 205 -15.25 -10.17 1.11
CA GLN A 205 -16.06 -10.75 2.17
C GLN A 205 -15.82 -10.08 3.51
N ARG A 206 -14.60 -9.60 3.76
CA ARG A 206 -14.30 -9.02 5.05
C ARG A 206 -14.69 -7.55 5.14
N TYR A 207 -14.59 -6.81 4.03
CA TYR A 207 -14.88 -5.38 4.04
C TYR A 207 -15.97 -4.99 3.05
N PRO A 208 -17.14 -5.61 3.09
CA PRO A 208 -18.20 -5.22 2.15
C PRO A 208 -18.76 -3.83 2.40
N GLU A 209 -18.44 -3.25 3.55
CA GLU A 209 -18.90 -1.92 3.92
C GLU A 209 -17.93 -0.82 3.49
N ALA A 210 -16.83 -1.18 2.84
CA ALA A 210 -15.83 -0.19 2.48
C ALA A 210 -16.43 0.86 1.55
N GLN A 211 -16.14 2.11 1.83
CA GLN A 211 -16.62 3.24 1.04
C GLN A 211 -15.57 3.80 0.11
N PHE A 212 -14.29 3.66 0.45
CA PHE A 212 -13.19 4.13 -0.36
C PHE A 212 -12.22 2.97 -0.50
N VAL A 213 -11.77 2.72 -1.72
CA VAL A 213 -10.79 1.68 -1.99
C VAL A 213 -9.60 2.34 -2.67
N ILE A 214 -8.43 2.19 -2.08
CA ILE A 214 -7.20 2.83 -2.54
C ILE A 214 -6.31 1.76 -3.15
N PRO A 215 -6.03 1.83 -4.44
CA PRO A 215 -5.07 0.89 -5.04
C PRO A 215 -3.65 1.34 -4.75
N GLY A 216 -2.71 0.42 -4.94
CA GLY A 216 -1.31 0.76 -4.77
C GLY A 216 -0.83 1.76 -5.80
N HIS A 217 -1.48 1.82 -6.95
CA HIS A 217 -1.12 2.76 -7.99
C HIS A 217 -2.38 3.32 -8.60
N GLY A 218 -2.46 4.63 -8.69
CA GLY A 218 -3.54 5.26 -9.43
C GLY A 218 -4.71 5.70 -8.57
N LEU A 219 -5.82 5.87 -9.24
CA LEU A 219 -6.93 6.60 -8.66
C LEU A 219 -7.73 5.74 -7.70
N PRO A 220 -8.11 6.30 -6.54
CA PRO A 220 -9.04 5.59 -5.67
C PRO A 220 -10.40 5.43 -6.32
N GLY A 221 -11.15 4.50 -5.79
CA GLY A 221 -12.52 4.29 -6.21
C GLY A 221 -13.29 3.64 -5.10
N GLY A 222 -14.28 2.83 -5.48
CA GLY A 222 -15.05 2.06 -4.54
C GLY A 222 -14.73 0.59 -4.61
N LEU A 223 -15.63 -0.21 -4.05
CA LEU A 223 -15.45 -1.66 -4.09
C LEU A 223 -15.46 -2.22 -5.51
N ASP A 224 -15.93 -1.43 -6.47
CA ASP A 224 -15.88 -1.87 -7.90
C ASP A 224 -14.42 -2.20 -8.28
N LEU A 225 -13.46 -1.54 -7.63
CA LEU A 225 -12.07 -1.82 -7.97
C LEU A 225 -11.73 -3.29 -7.75
N LEU A 226 -12.41 -3.95 -6.80
CA LEU A 226 -12.13 -5.36 -6.54
C LEU A 226 -12.57 -6.24 -7.70
N LYS A 227 -13.80 -6.05 -8.17
CA LYS A 227 -14.26 -6.82 -9.32
C LYS A 227 -13.44 -6.48 -10.55
N HIS A 228 -13.06 -5.22 -10.70
CA HIS A 228 -12.22 -4.85 -11.82
C HIS A 228 -10.89 -5.60 -11.75
N THR A 229 -10.29 -5.64 -10.56
CA THR A 229 -9.03 -6.35 -10.40
C THR A 229 -9.18 -7.82 -10.76
N THR A 230 -10.26 -8.46 -10.30
CA THR A 230 -10.52 -9.84 -10.66
C THR A 230 -10.61 -10.02 -12.17
N ASN A 231 -11.29 -9.09 -12.85
CA ASN A 231 -11.43 -9.21 -14.29
C ASN A 231 -10.08 -9.09 -14.98
N VAL A 232 -9.28 -8.12 -14.54
CA VAL A 232 -7.97 -7.90 -15.15
C VAL A 232 -7.06 -9.09 -14.90
N VAL A 233 -7.10 -9.64 -13.68
CA VAL A 233 -6.27 -10.80 -13.36
C VAL A 233 -6.69 -12.00 -14.18
N LYS A 234 -7.99 -12.22 -14.32
CA LYS A 234 -8.47 -13.33 -15.15
C LYS A 234 -8.05 -13.14 -16.60
N ALA A 235 -8.16 -11.92 -17.12
CA ALA A 235 -7.76 -11.69 -18.50
C ALA A 235 -6.28 -11.95 -18.69
N HIS A 236 -5.46 -11.55 -17.71
CA HIS A 236 -4.04 -11.83 -17.79
C HIS A 236 -3.79 -13.33 -17.71
N THR A 237 -4.49 -14.01 -16.81
CA THR A 237 -4.33 -15.46 -16.66
C THR A 237 -4.62 -16.17 -17.97
N ASN A 238 -5.59 -15.67 -18.73
CA ASN A 238 -6.02 -16.32 -19.95
C ASN A 238 -5.28 -15.84 -21.19
N ARG A 239 -4.21 -15.08 -21.02
CA ARG A 239 -3.42 -14.61 -22.16
C ARG A 239 -2.97 -15.76 -23.06
ZN ZN B . 4.53 -4.77 -5.84
ZN ZN C . 3.22 -1.41 -6.42
O1 X8Z D . 6.73 -3.29 -9.92
C4 X8Z D . 6.47 -2.09 -9.74
C2 X8Z D . 6.48 -1.51 -8.35
C1 X8Z D . 6.19 -2.58 -7.35
S X8Z D . 4.44 -3.11 -7.37
C3 X8Z D . 7.91 -1.00 -8.11
N X8Z D . 6.19 -1.31 -10.77
C8 X8Z D . 6.20 -1.86 -12.13
C9 X8Z D . 7.56 -2.51 -12.50
O3 X8Z D . 8.58 -2.03 -11.97
O2 X8Z D . 7.50 -3.46 -13.28
C5 X8Z D . 5.89 0.11 -10.74
C6 X8Z D . 6.34 0.56 -12.12
C7 X8Z D . 5.96 -0.63 -13.00
MG MG E . -12.65 -3.11 -15.34
#